data_5FD4
#
_entry.id   5FD4
#
_cell.length_a   82.271
_cell.length_b   82.271
_cell.length_c   209.753
_cell.angle_alpha   90.00
_cell.angle_beta   90.00
_cell.angle_gamma   120.00
#
_symmetry.space_group_name_H-M   'P 31 2 1'
#
_entity_poly.entity_id   1
_entity_poly.type   'polypeptide(L)'
_entity_poly.pdbx_seq_one_letter_code
;MGSSHHHHHHSSGLVPRGSHMEVWFMNDKEFGQRVRQLRESASMTREQFCDDELELSVRQLTRIEAGASKPTFSKIQYIA
TRLGMGLYELMPDYVSLPERYSKLKFDVLRTPTYGNEDLAEKRDAMMTEIYDDYYDELPEEEKIAIDAIQSRIDTLESGT
AGFGKEILEDYFEQIFRKRKYELNDLLIVRLHLEYVRLSSCDSEIFRQFLKIIEHLHEQINIINSNDLFVLRDTLLSCVN
ILGSKKYYEPIPKIFDSVDKIIQSTQDFQKKPIVSVLKWKYALFVDKDRDEAEKHYLDAVLFAKLIENRELEQKIEEDWR
VDNQ
;
_entity_poly.pdbx_strand_id   A,B
#
# COMPACT_ATOMS: atom_id res chain seq x y z
N PRO A 16 -2.44 29.62 -16.49
CA PRO A 16 -3.20 29.80 -17.72
C PRO A 16 -4.53 29.02 -17.78
N ARG A 17 -5.34 29.17 -16.72
CA ARG A 17 -6.68 28.57 -16.65
C ARG A 17 -7.69 29.30 -17.55
N GLY A 18 -8.85 28.68 -17.73
CA GLY A 18 -9.96 29.27 -18.48
C GLY A 18 -10.54 30.52 -17.85
N SER A 19 -10.63 30.53 -16.51
CA SER A 19 -11.11 31.71 -15.76
C SER A 19 -10.17 32.93 -15.90
N HIS A 20 -8.87 32.66 -16.04
CA HIS A 20 -7.84 33.70 -16.18
C HIS A 20 -7.79 34.28 -17.60
N MET A 21 -8.01 33.44 -18.62
CA MET A 21 -8.19 33.89 -20.01
C MET A 21 -9.64 34.30 -20.33
N GLU A 22 -10.55 34.14 -19.36
CA GLU A 22 -11.98 34.53 -19.45
C GLU A 22 -12.81 33.68 -20.43
N VAL A 23 -12.26 32.57 -20.93
CA VAL A 23 -12.93 31.71 -21.92
C VAL A 23 -14.02 30.85 -21.26
N TRP A 24 -14.82 30.22 -22.12
CA TRP A 24 -15.91 29.33 -21.72
C TRP A 24 -15.37 27.98 -21.23
N PHE A 25 -16.05 27.39 -20.24
CA PHE A 25 -15.60 26.10 -19.66
C PHE A 25 -15.91 24.95 -20.58
N MET A 26 -14.92 24.07 -20.78
CA MET A 26 -15.07 22.91 -21.65
C MET A 26 -15.65 21.69 -20.94
N ASN A 27 -16.98 21.55 -21.06
CA ASN A 27 -17.69 20.33 -20.67
C ASN A 27 -17.42 19.24 -21.73
N ASP A 28 -18.01 18.06 -21.54
CA ASP A 28 -17.70 16.86 -22.35
C ASP A 28 -17.81 17.06 -23.86
N LYS A 29 -18.87 17.73 -24.32
CA LYS A 29 -19.10 17.94 -25.76
C LYS A 29 -18.01 18.83 -26.37
N GLU A 30 -17.92 20.04 -25.86
CA GLU A 30 -17.01 21.05 -26.39
C GLU A 30 -15.52 20.71 -26.20
N PHE A 31 -15.21 19.84 -25.23
CA PHE A 31 -13.86 19.28 -25.11
C PHE A 31 -13.61 18.26 -26.23
N GLY A 32 -14.56 17.36 -26.43
CA GLY A 32 -14.52 16.42 -27.55
C GLY A 32 -14.27 17.10 -28.88
N GLN A 33 -14.99 18.21 -29.09
CA GLN A 33 -14.82 19.07 -30.26
C GLN A 33 -13.38 19.56 -30.42
N ARG A 34 -12.77 20.00 -29.32
CA ARG A 34 -11.36 20.44 -29.32
C ARG A 34 -10.40 19.30 -29.66
N VAL A 35 -10.59 18.15 -29.02
CA VAL A 35 -9.71 17.00 -29.24
C VAL A 35 -9.71 16.58 -30.71
N ARG A 36 -10.88 16.61 -31.35
CA ARG A 36 -10.99 16.31 -32.78
C ARG A 36 -10.18 17.32 -33.60
N GLN A 37 -10.49 18.61 -33.41
CA GLN A 37 -9.78 19.71 -34.10
C GLN A 37 -8.27 19.48 -34.12
N LEU A 38 -7.69 19.34 -32.94
CA LEU A 38 -6.23 19.23 -32.78
C LEU A 38 -5.65 17.99 -33.46
N ARG A 39 -6.36 16.86 -33.35
CA ARG A 39 -5.96 15.62 -34.03
C ARG A 39 -5.99 15.80 -35.55
N GLU A 40 -7.12 16.27 -36.07
CA GLU A 40 -7.32 16.46 -37.51
C GLU A 40 -6.26 17.40 -38.11
N SER A 41 -6.07 18.56 -37.50
CA SER A 41 -5.08 19.55 -37.97
C SER A 41 -3.62 19.08 -37.84
N ALA A 42 -3.37 18.04 -37.04
CA ALA A 42 -2.08 17.35 -37.03
C ALA A 42 -2.00 16.16 -38.01
N SER A 43 -2.93 16.10 -38.98
CA SER A 43 -2.96 15.08 -40.04
C SER A 43 -3.09 13.61 -39.60
N MET A 44 -3.42 13.38 -38.32
CA MET A 44 -3.56 12.03 -37.77
C MET A 44 -5.02 11.59 -37.87
N THR A 45 -5.22 10.29 -38.07
CA THR A 45 -6.55 9.66 -37.97
C THR A 45 -6.63 8.84 -36.68
N ARG A 46 -7.83 8.43 -36.30
CA ARG A 46 -8.07 7.77 -35.01
C ARG A 46 -7.21 6.52 -34.84
N GLU A 47 -7.08 5.77 -35.94
CA GLU A 47 -6.35 4.50 -35.96
C GLU A 47 -4.86 4.72 -35.71
N GLN A 48 -4.30 5.72 -36.41
CA GLN A 48 -2.92 6.15 -36.18
C GLN A 48 -2.71 6.68 -34.76
N PHE A 49 -3.68 7.48 -34.29
CA PHE A 49 -3.58 8.19 -33.01
C PHE A 49 -3.50 7.25 -31.81
N CYS A 50 -4.48 6.35 -31.71
CA CYS A 50 -4.56 5.39 -30.62
C CYS A 50 -3.43 4.34 -30.64
N ASP A 51 -2.85 4.09 -31.81
CA ASP A 51 -1.62 3.32 -31.97
C ASP A 51 -1.83 1.82 -31.61
N ASP A 52 -1.39 1.40 -30.41
CA ASP A 52 -1.56 0.01 -29.95
C ASP A 52 -2.83 -0.16 -29.10
N GLU A 53 -3.51 0.95 -28.83
CA GLU A 53 -4.78 0.99 -28.12
C GLU A 53 -4.75 0.49 -26.67
N LEU A 54 -3.58 0.51 -26.03
CA LEU A 54 -3.46 0.05 -24.64
C LEU A 54 -3.95 1.12 -23.67
N GLU A 55 -3.50 2.36 -23.86
CA GLU A 55 -3.90 3.47 -22.99
C GLU A 55 -5.23 4.07 -23.44
N LEU A 56 -5.37 4.30 -24.75
CA LEU A 56 -6.59 4.84 -25.34
C LEU A 56 -7.00 4.01 -26.55
N SER A 57 -8.24 3.53 -26.54
CA SER A 57 -8.81 2.74 -27.66
C SER A 57 -9.51 3.65 -28.68
N VAL A 58 -9.67 3.13 -29.90
CA VAL A 58 -10.33 3.88 -30.99
C VAL A 58 -11.80 4.16 -30.66
N ARG A 59 -12.49 3.15 -30.14
CA ARG A 59 -13.89 3.29 -29.72
C ARG A 59 -14.00 4.30 -28.57
N GLN A 60 -13.07 4.20 -27.62
CA GLN A 60 -12.99 5.13 -26.49
C GLN A 60 -12.78 6.56 -26.95
N LEU A 61 -11.90 6.75 -27.93
CA LEU A 61 -11.62 8.08 -28.50
C LEU A 61 -12.82 8.67 -29.22
N THR A 62 -13.48 7.84 -30.05
CA THR A 62 -14.66 8.26 -30.81
C THR A 62 -15.73 8.85 -29.89
N ARG A 63 -16.00 8.16 -28.78
CA ARG A 63 -17.01 8.61 -27.81
C ARG A 63 -16.58 9.86 -27.02
N ILE A 64 -15.26 10.03 -26.83
CA ILE A 64 -14.71 11.26 -26.24
C ILE A 64 -14.95 12.45 -27.18
N GLU A 65 -14.54 12.30 -28.44
CA GLU A 65 -14.80 13.33 -29.46
C GLU A 65 -16.28 13.63 -29.62
N ALA A 66 -17.09 12.57 -29.59
CA ALA A 66 -18.54 12.70 -29.63
C ALA A 66 -19.15 13.44 -28.44
N GLY A 67 -18.45 13.44 -27.31
CA GLY A 67 -18.94 14.08 -26.08
C GLY A 67 -19.77 13.14 -25.23
N ALA A 68 -19.72 11.85 -25.54
CA ALA A 68 -20.49 10.82 -24.83
C ALA A 68 -19.69 10.16 -23.71
N SER A 69 -18.38 10.37 -23.68
CA SER A 69 -17.50 9.76 -22.69
C SER A 69 -16.48 10.79 -22.20
N LYS A 70 -16.36 10.90 -20.88
CA LYS A 70 -15.35 11.79 -20.26
C LYS A 70 -14.07 10.99 -20.00
N PRO A 71 -12.90 11.53 -20.40
CA PRO A 71 -11.66 10.77 -20.26
C PRO A 71 -11.07 10.77 -18.85
N THR A 72 -10.51 9.63 -18.47
CA THR A 72 -9.72 9.50 -17.23
C THR A 72 -8.42 10.29 -17.37
N PHE A 73 -7.78 10.62 -16.25
CA PHE A 73 -6.51 11.38 -16.23
C PHE A 73 -5.45 10.80 -17.17
N SER A 74 -5.22 9.49 -17.06
CA SER A 74 -4.25 8.76 -17.89
C SER A 74 -4.53 8.89 -19.38
N LYS A 75 -5.81 8.95 -19.74
CA LYS A 75 -6.24 9.11 -21.13
C LYS A 75 -5.99 10.53 -21.64
N ILE A 76 -6.25 11.54 -20.80
CA ILE A 76 -6.01 12.95 -21.19
C ILE A 76 -4.50 13.13 -21.39
N GLN A 77 -3.73 12.69 -20.39
CA GLN A 77 -2.26 12.63 -20.44
C GLN A 77 -1.75 12.08 -21.77
N TYR A 78 -2.29 10.94 -22.18
CA TYR A 78 -1.90 10.31 -23.45
C TYR A 78 -2.29 11.17 -24.65
N ILE A 79 -3.51 11.69 -24.66
CA ILE A 79 -4.01 12.55 -25.76
C ILE A 79 -3.13 13.80 -25.92
N ALA A 80 -2.68 14.36 -24.82
CA ALA A 80 -1.81 15.55 -24.83
C ALA A 80 -0.40 15.22 -25.33
N THR A 81 0.28 14.29 -24.67
CA THR A 81 1.60 13.80 -25.09
C THR A 81 1.64 13.41 -26.58
N ARG A 82 0.59 12.73 -27.04
CA ARG A 82 0.49 12.34 -28.45
C ARG A 82 0.33 13.54 -29.41
N LEU A 83 -0.16 14.67 -28.90
CA LEU A 83 -0.21 15.94 -29.65
C LEU A 83 0.96 16.91 -29.37
N GLY A 84 1.95 16.46 -28.59
CA GLY A 84 3.07 17.31 -28.19
C GLY A 84 2.79 18.34 -27.11
N MET A 85 1.57 18.35 -26.56
CA MET A 85 1.14 19.38 -25.61
C MET A 85 1.30 18.91 -24.17
N GLY A 86 1.30 19.88 -23.25
CA GLY A 86 1.17 19.60 -21.83
C GLY A 86 -0.27 19.24 -21.50
N LEU A 87 -0.46 18.58 -20.36
CA LEU A 87 -1.79 18.23 -19.85
C LEU A 87 -2.69 19.46 -19.76
N TYR A 88 -2.20 20.50 -19.10
CA TYR A 88 -2.96 21.73 -18.89
C TYR A 88 -3.08 22.61 -20.14
N GLU A 89 -2.18 22.45 -21.10
CA GLU A 89 -2.33 23.13 -22.39
C GLU A 89 -3.57 22.62 -23.14
N LEU A 90 -3.82 21.31 -23.02
CA LEU A 90 -5.00 20.68 -23.62
C LEU A 90 -6.27 21.01 -22.84
N MET A 91 -6.23 20.75 -21.53
CA MET A 91 -7.38 20.98 -20.65
C MET A 91 -6.96 21.88 -19.49
N PRO A 92 -6.95 23.22 -19.72
CA PRO A 92 -6.59 24.20 -18.69
C PRO A 92 -7.36 24.10 -17.39
N ASP A 93 -8.64 23.75 -17.48
CA ASP A 93 -9.52 23.70 -16.31
C ASP A 93 -9.61 22.30 -15.67
N TYR A 94 -8.64 21.43 -15.97
CA TYR A 94 -8.61 20.08 -15.41
C TYR A 94 -8.55 20.12 -13.88
N VAL A 95 -9.30 19.23 -13.24
CA VAL A 95 -9.22 19.01 -11.80
C VAL A 95 -9.16 17.51 -11.54
N SER A 96 -8.47 17.13 -10.47
CA SER A 96 -8.38 15.73 -10.08
C SER A 96 -9.67 15.32 -9.37
N LEU A 97 -9.90 14.01 -9.28
CA LEU A 97 -11.13 13.46 -8.72
C LEU A 97 -11.38 14.02 -7.32
N PRO A 98 -12.64 14.41 -7.02
CA PRO A 98 -13.01 14.91 -5.70
C PRO A 98 -12.43 14.07 -4.56
N GLU A 99 -11.90 14.73 -3.53
CA GLU A 99 -11.28 14.04 -2.39
C GLU A 99 -12.30 13.18 -1.63
N ARG A 100 -13.51 13.70 -1.49
CA ARG A 100 -14.60 12.96 -0.81
C ARG A 100 -14.96 11.68 -1.56
N TYR A 101 -15.07 11.77 -2.88
CA TYR A 101 -15.29 10.59 -3.73
C TYR A 101 -14.21 9.53 -3.52
N SER A 102 -12.95 9.90 -3.76
CA SER A 102 -11.83 8.96 -3.67
C SER A 102 -11.71 8.27 -2.32
N LYS A 103 -12.03 9.01 -1.25
CA LYS A 103 -12.14 8.44 0.10
C LYS A 103 -13.23 7.37 0.20
N LEU A 104 -14.44 7.71 -0.24
CA LEU A 104 -15.58 6.78 -0.23
C LEU A 104 -15.29 5.50 -0.99
N LYS A 105 -14.70 5.64 -2.18
CA LYS A 105 -14.30 4.50 -3.00
C LYS A 105 -13.34 3.60 -2.22
N PHE A 106 -12.31 4.21 -1.64
CA PHE A 106 -11.29 3.49 -0.87
C PHE A 106 -11.89 2.74 0.34
N ASP A 107 -12.75 3.42 1.09
CA ASP A 107 -13.43 2.81 2.25
C ASP A 107 -14.31 1.64 1.84
N VAL A 108 -15.12 1.84 0.81
CA VAL A 108 -15.99 0.78 0.23
C VAL A 108 -15.19 -0.49 -0.09
N LEU A 109 -14.13 -0.32 -0.85
CA LEU A 109 -13.29 -1.45 -1.30
C LEU A 109 -12.55 -2.16 -0.17
N ARG A 110 -12.27 -1.46 0.93
CA ARG A 110 -11.53 -1.98 2.09
C ARG A 110 -12.43 -2.51 3.22
N THR A 111 -13.75 -2.47 3.05
CA THR A 111 -14.68 -2.94 4.08
C THR A 111 -14.74 -4.48 4.09
N PRO A 112 -14.43 -5.12 5.24
CA PRO A 112 -14.71 -6.55 5.33
C PRO A 112 -16.20 -6.75 5.65
N THR A 113 -16.89 -7.54 4.81
CA THR A 113 -18.34 -7.74 4.95
C THR A 113 -18.67 -8.97 5.79
N TYR A 114 -18.05 -10.11 5.47
CA TYR A 114 -18.33 -11.39 6.15
C TYR A 114 -18.11 -11.29 7.66
N GLY A 115 -19.17 -11.55 8.42
CA GLY A 115 -19.12 -11.50 9.87
C GLY A 115 -19.61 -10.19 10.47
N ASN A 116 -19.55 -9.10 9.71
CA ASN A 116 -20.03 -7.81 10.19
C ASN A 116 -21.25 -7.33 9.41
N GLU A 117 -22.41 -7.40 10.06
CA GLU A 117 -23.66 -6.88 9.51
C GLU A 117 -23.68 -5.34 9.51
N ASP A 118 -23.00 -4.73 10.49
CA ASP A 118 -23.03 -3.27 10.66
C ASP A 118 -22.17 -2.53 9.63
N LEU A 119 -20.99 -3.08 9.34
CA LEU A 119 -20.07 -2.47 8.37
C LEU A 119 -20.56 -2.63 6.94
N ALA A 120 -21.18 -3.77 6.64
CA ALA A 120 -21.86 -3.98 5.35
C ALA A 120 -23.04 -3.01 5.12
N GLU A 121 -23.60 -2.47 6.19
CA GLU A 121 -24.63 -1.42 6.11
C GLU A 121 -24.02 -0.04 5.81
N LYS A 122 -22.87 0.28 6.43
CA LYS A 122 -22.13 1.52 6.13
C LYS A 122 -21.61 1.52 4.69
N ARG A 123 -21.23 0.33 4.20
CA ARG A 123 -20.72 0.14 2.85
C ARG A 123 -21.70 0.65 1.80
N ASP A 124 -22.90 0.06 1.78
CA ASP A 124 -23.96 0.46 0.83
C ASP A 124 -24.40 1.92 1.02
N ALA A 125 -24.33 2.43 2.26
CA ALA A 125 -24.58 3.83 2.53
C ALA A 125 -23.59 4.73 1.78
N MET A 126 -22.31 4.40 1.85
CA MET A 126 -21.26 5.09 1.10
C MET A 126 -21.50 5.03 -0.40
N MET A 127 -21.81 3.82 -0.90
CA MET A 127 -22.13 3.62 -2.32
C MET A 127 -23.26 4.53 -2.79
N THR A 128 -24.29 4.71 -1.97
CA THR A 128 -25.41 5.61 -2.31
C THR A 128 -24.92 7.06 -2.41
N GLU A 129 -24.17 7.52 -1.40
CA GLU A 129 -23.54 8.84 -1.44
C GLU A 129 -22.74 9.08 -2.71
N ILE A 130 -21.98 8.08 -3.15
CA ILE A 130 -21.23 8.15 -4.41
C ILE A 130 -22.20 8.41 -5.56
N TYR A 131 -23.24 7.59 -5.66
CA TYR A 131 -24.24 7.70 -6.74
C TYR A 131 -25.00 9.04 -6.71
N ASP A 132 -25.34 9.50 -5.52
CA ASP A 132 -26.08 10.77 -5.37
C ASP A 132 -25.25 11.98 -5.77
N ASP A 133 -23.99 12.01 -5.35
CA ASP A 133 -23.18 13.25 -5.38
C ASP A 133 -22.07 13.32 -6.45
N TYR A 134 -21.40 12.21 -6.73
CA TYR A 134 -20.19 12.23 -7.58
C TYR A 134 -20.23 11.41 -8.87
N TYR A 135 -21.00 10.33 -8.89
CA TYR A 135 -20.96 9.35 -9.98
C TYR A 135 -21.24 9.94 -11.36
N ASP A 136 -22.31 10.72 -11.46
CA ASP A 136 -22.72 11.31 -12.75
C ASP A 136 -21.64 12.16 -13.44
N GLU A 137 -20.72 12.72 -12.65
CA GLU A 137 -19.64 13.57 -13.16
C GLU A 137 -18.25 12.92 -13.17
N LEU A 138 -18.17 11.62 -12.91
CA LEU A 138 -16.89 10.91 -13.00
C LEU A 138 -16.51 10.68 -14.46
N PRO A 139 -15.22 10.40 -14.73
CA PRO A 139 -14.85 9.90 -16.06
C PRO A 139 -15.44 8.52 -16.34
N GLU A 140 -15.52 8.12 -17.60
CA GLU A 140 -16.22 6.89 -17.98
C GLU A 140 -15.65 5.67 -17.29
N GLU A 141 -14.34 5.47 -17.41
CA GLU A 141 -13.65 4.32 -16.81
C GLU A 141 -13.95 4.20 -15.32
N GLU A 142 -14.06 5.34 -14.66
CA GLU A 142 -14.35 5.41 -13.23
C GLU A 142 -15.78 4.99 -12.92
N LYS A 143 -16.74 5.37 -13.77
CA LYS A 143 -18.14 4.93 -13.64
C LYS A 143 -18.23 3.41 -13.73
N ILE A 144 -17.59 2.85 -14.76
CA ILE A 144 -17.62 1.41 -15.02
C ILE A 144 -17.02 0.66 -13.82
N ALA A 145 -15.92 1.17 -13.28
CA ALA A 145 -15.26 0.57 -12.11
C ALA A 145 -16.12 0.58 -10.84
N ILE A 146 -16.91 1.64 -10.64
CA ILE A 146 -17.87 1.69 -9.53
C ILE A 146 -18.99 0.68 -9.74
N ASP A 147 -19.48 0.58 -10.98
CA ASP A 147 -20.51 -0.41 -11.31
C ASP A 147 -19.97 -1.83 -11.13
N ALA A 148 -18.73 -2.05 -11.56
CA ALA A 148 -18.05 -3.35 -11.36
C ALA A 148 -18.04 -3.89 -9.93
N ILE A 149 -18.12 -3.00 -8.94
CA ILE A 149 -18.12 -3.40 -7.51
C ILE A 149 -19.30 -4.32 -7.16
N GLN A 150 -20.49 -4.01 -7.66
CA GLN A 150 -21.68 -4.80 -7.31
C GLN A 150 -22.84 -4.83 -8.33
N SER A 151 -22.55 -4.58 -9.61
CA SER A 151 -23.55 -4.75 -10.67
C SER A 151 -23.57 -6.20 -11.10
N ARG A 152 -24.76 -6.74 -11.35
CA ARG A 152 -24.92 -8.12 -11.83
C ARG A 152 -25.62 -8.12 -13.18
N ILE A 153 -25.12 -8.94 -14.10
CA ILE A 153 -25.64 -9.00 -15.46
C ILE A 153 -26.62 -10.18 -15.58
N ASP A 154 -27.89 -9.85 -15.87
CA ASP A 154 -28.96 -10.85 -16.02
C ASP A 154 -28.95 -11.55 -17.38
N THR A 155 -28.40 -10.91 -18.42
CA THR A 155 -28.51 -11.38 -19.79
C THR A 155 -27.20 -11.24 -20.57
N LEU A 156 -26.84 -12.29 -21.29
CA LEU A 156 -25.57 -12.38 -22.03
C LEU A 156 -25.47 -11.32 -23.13
N GLU A 157 -26.62 -10.97 -23.72
CA GLU A 157 -26.70 -9.93 -24.76
C GLU A 157 -26.49 -8.51 -24.23
N SER A 158 -27.00 -8.23 -23.02
CA SER A 158 -27.00 -6.87 -22.46
C SER A 158 -25.72 -6.54 -21.68
N GLY A 159 -25.54 -5.25 -21.40
CA GLY A 159 -24.42 -4.76 -20.60
C GLY A 159 -24.82 -4.51 -19.17
N THR A 160 -24.15 -3.56 -18.52
CA THR A 160 -24.54 -3.09 -17.18
C THR A 160 -25.53 -1.92 -17.38
N ALA A 161 -25.97 -1.29 -16.29
CA ALA A 161 -26.82 -0.09 -16.39
C ALA A 161 -25.99 1.08 -16.91
N GLY A 162 -26.50 1.72 -17.96
CA GLY A 162 -25.83 2.84 -18.58
C GLY A 162 -24.91 2.45 -19.72
N PHE A 163 -24.24 1.29 -19.62
CA PHE A 163 -23.24 0.88 -20.62
C PHE A 163 -23.59 -0.43 -21.30
N GLY A 164 -23.61 -0.43 -22.63
CA GLY A 164 -23.88 -1.63 -23.42
C GLY A 164 -22.64 -2.47 -23.61
N LYS A 165 -22.84 -3.77 -23.81
CA LYS A 165 -21.76 -4.79 -23.85
C LYS A 165 -20.56 -4.36 -24.68
N GLU A 166 -20.80 -3.92 -25.93
CA GLU A 166 -19.73 -3.47 -26.85
C GLU A 166 -18.72 -2.48 -26.24
N ILE A 167 -19.19 -1.64 -25.31
CA ILE A 167 -18.31 -0.74 -24.55
C ILE A 167 -17.44 -1.58 -23.62
N LEU A 168 -18.07 -2.44 -22.83
CA LEU A 168 -17.39 -3.23 -21.80
C LEU A 168 -16.38 -4.18 -22.42
N GLU A 169 -16.76 -4.81 -23.53
CA GLU A 169 -15.87 -5.67 -24.33
C GLU A 169 -14.59 -4.94 -24.69
N ASP A 170 -14.74 -3.70 -25.18
CA ASP A 170 -13.60 -2.85 -25.53
C ASP A 170 -12.68 -2.60 -24.34
N TYR A 171 -13.26 -2.36 -23.17
CA TYR A 171 -12.48 -2.24 -21.94
C TYR A 171 -11.83 -3.57 -21.54
N PHE A 172 -12.55 -4.69 -21.69
CA PHE A 172 -12.02 -6.02 -21.37
C PHE A 172 -10.82 -6.36 -22.24
N GLU A 173 -10.99 -6.19 -23.54
CA GLU A 173 -9.93 -6.47 -24.51
C GLU A 173 -8.68 -5.62 -24.24
N GLN A 174 -8.90 -4.36 -23.87
CA GLN A 174 -7.81 -3.45 -23.47
C GLN A 174 -6.98 -4.02 -22.30
N ILE A 175 -7.66 -4.58 -21.31
CA ILE A 175 -7.01 -5.10 -20.11
C ILE A 175 -6.20 -6.38 -20.37
N PHE A 176 -6.73 -7.28 -21.21
CA PHE A 176 -6.02 -8.54 -21.50
C PHE A 176 -4.67 -8.27 -22.13
N ARG A 177 -4.60 -7.24 -22.97
CA ARG A 177 -3.36 -6.85 -23.65
C ARG A 177 -2.36 -6.16 -22.72
N LYS A 178 -2.86 -5.40 -21.73
CA LYS A 178 -2.01 -4.68 -20.76
C LYS A 178 -0.97 -5.58 -20.09
N ARG A 179 0.22 -5.03 -19.89
CA ARG A 179 1.32 -5.70 -19.17
C ARG A 179 1.18 -5.50 -17.65
N LYS A 180 0.71 -4.33 -17.25
CA LYS A 180 0.49 -3.98 -15.83
C LYS A 180 -0.90 -3.39 -15.61
N TYR A 181 -1.69 -4.04 -14.74
CA TYR A 181 -3.06 -3.62 -14.46
C TYR A 181 -3.01 -2.48 -13.44
N GLU A 182 -3.81 -1.45 -13.69
CA GLU A 182 -4.09 -0.41 -12.69
C GLU A 182 -5.26 -0.85 -11.81
N LEU A 183 -5.55 -0.06 -10.79
CA LEU A 183 -6.63 -0.41 -9.84
C LEU A 183 -7.98 -0.59 -10.53
N ASN A 184 -8.33 0.33 -11.41
CA ASN A 184 -9.60 0.25 -12.15
C ASN A 184 -9.68 -0.96 -13.08
N ASP A 185 -8.54 -1.42 -13.60
CA ASP A 185 -8.51 -2.66 -14.41
C ASP A 185 -8.90 -3.88 -13.56
N LEU A 186 -8.37 -3.95 -12.33
CA LEU A 186 -8.70 -5.03 -11.41
C LEU A 186 -10.17 -5.03 -10.98
N LEU A 187 -10.79 -3.85 -10.94
CA LEU A 187 -12.23 -3.74 -10.72
C LEU A 187 -13.04 -4.13 -11.96
N ILE A 188 -12.72 -3.51 -13.09
CA ILE A 188 -13.50 -3.71 -14.33
C ILE A 188 -13.49 -5.16 -14.81
N VAL A 189 -12.41 -5.89 -14.57
CA VAL A 189 -12.35 -7.34 -14.84
C VAL A 189 -13.51 -8.10 -14.18
N ARG A 190 -13.92 -7.67 -12.99
CA ARG A 190 -15.02 -8.32 -12.26
C ARG A 190 -16.35 -8.37 -13.02
N LEU A 191 -16.58 -7.41 -13.92
CA LEU A 191 -17.73 -7.46 -14.84
C LEU A 191 -17.62 -8.60 -15.85
N HIS A 192 -16.41 -8.86 -16.36
CA HIS A 192 -16.19 -9.99 -17.25
C HIS A 192 -16.56 -11.33 -16.59
N LEU A 193 -16.33 -11.42 -15.29
CA LEU A 193 -16.72 -12.59 -14.51
C LEU A 193 -18.23 -12.81 -14.50
N GLU A 194 -19.01 -11.73 -14.39
CA GLU A 194 -20.47 -11.85 -14.46
C GLU A 194 -20.99 -12.41 -15.78
N TYR A 195 -20.27 -12.17 -16.88
CA TYR A 195 -20.59 -12.81 -18.18
C TYR A 195 -20.24 -14.29 -18.21
N VAL A 196 -19.14 -14.66 -17.57
CA VAL A 196 -18.73 -16.07 -17.43
C VAL A 196 -19.83 -16.89 -16.74
N ARG A 197 -20.46 -16.29 -15.73
CA ARG A 197 -21.59 -16.89 -15.00
C ARG A 197 -22.73 -17.37 -15.92
N LEU A 198 -22.98 -16.64 -17.01
CA LEU A 198 -24.06 -16.93 -17.96
C LEU A 198 -23.67 -17.87 -19.11
N SER A 199 -22.38 -18.15 -19.29
CA SER A 199 -21.87 -18.92 -20.44
C SER A 199 -21.60 -20.38 -20.07
N SER A 200 -21.62 -21.25 -21.08
CA SER A 200 -21.35 -22.67 -20.85
C SER A 200 -19.87 -22.92 -20.51
N CYS A 201 -19.60 -24.05 -19.88
CA CYS A 201 -18.23 -24.51 -19.62
C CYS A 201 -17.43 -24.63 -20.94
N ASP A 202 -18.11 -25.02 -22.03
CA ASP A 202 -17.50 -25.14 -23.37
C ASP A 202 -17.23 -23.82 -24.11
N SER A 203 -17.68 -22.68 -23.57
CA SER A 203 -17.65 -21.41 -24.30
C SER A 203 -16.24 -20.83 -24.46
N GLU A 204 -16.11 -19.89 -25.41
CA GLU A 204 -14.90 -19.09 -25.56
C GLU A 204 -14.65 -18.24 -24.32
N ILE A 205 -15.72 -17.57 -23.87
CA ILE A 205 -15.69 -16.72 -22.66
C ILE A 205 -15.10 -17.45 -21.45
N PHE A 206 -15.44 -18.73 -21.26
CA PHE A 206 -14.92 -19.50 -20.13
C PHE A 206 -13.43 -19.78 -20.25
N ARG A 207 -13.00 -20.31 -21.40
CA ARG A 207 -11.57 -20.60 -21.63
C ARG A 207 -10.70 -19.34 -21.50
N GLN A 208 -11.27 -18.20 -21.91
CA GLN A 208 -10.67 -16.88 -21.69
C GLN A 208 -10.53 -16.60 -20.20
N PHE A 209 -11.64 -16.71 -19.46
CA PHE A 209 -11.66 -16.53 -17.99
C PHE A 209 -10.55 -17.30 -17.25
N LEU A 210 -10.21 -18.48 -17.74
CA LEU A 210 -9.07 -19.23 -17.19
C LEU A 210 -7.73 -18.53 -17.48
N LYS A 211 -7.60 -17.94 -18.66
CA LYS A 211 -6.43 -17.11 -19.00
C LYS A 211 -6.35 -15.85 -18.14
N ILE A 212 -7.50 -15.25 -17.80
CA ILE A 212 -7.53 -14.10 -16.87
C ILE A 212 -6.94 -14.50 -15.52
N ILE A 213 -7.38 -15.63 -14.97
CA ILE A 213 -6.88 -16.11 -13.68
C ILE A 213 -5.35 -16.21 -13.74
N GLU A 214 -4.86 -16.81 -14.83
CA GLU A 214 -3.42 -16.91 -15.10
C GLU A 214 -2.72 -15.54 -15.07
N HIS A 215 -3.34 -14.54 -15.71
CA HIS A 215 -2.84 -13.15 -15.71
C HIS A 215 -2.78 -12.58 -14.29
N LEU A 216 -3.88 -12.71 -13.55
CA LEU A 216 -3.99 -12.16 -12.20
C LEU A 216 -2.89 -12.65 -11.26
N HIS A 217 -2.53 -13.92 -11.39
CA HIS A 217 -1.41 -14.49 -10.63
C HIS A 217 -0.10 -13.76 -10.94
N GLU A 218 0.23 -13.64 -12.22
CA GLU A 218 1.46 -12.94 -12.65
C GLU A 218 1.47 -11.47 -12.25
N GLN A 219 0.28 -10.85 -12.17
CA GLN A 219 0.17 -9.44 -11.76
C GLN A 219 0.64 -9.12 -10.33
N ILE A 220 0.60 -10.10 -9.43
CA ILE A 220 1.01 -9.93 -8.02
C ILE A 220 2.38 -9.23 -7.85
N ASN A 221 3.38 -9.65 -8.61
CA ASN A 221 4.72 -9.05 -8.57
C ASN A 221 4.95 -7.95 -9.62
N ILE A 222 3.87 -7.35 -10.12
CA ILE A 222 3.93 -6.31 -11.16
C ILE A 222 3.20 -5.03 -10.74
N ILE A 223 1.97 -5.18 -10.23
CA ILE A 223 1.15 -4.04 -9.84
C ILE A 223 1.71 -3.28 -8.65
N ASN A 224 1.21 -2.07 -8.46
CA ASN A 224 1.57 -1.23 -7.31
C ASN A 224 1.20 -1.97 -6.03
N SER A 225 2.14 -2.00 -5.07
CA SER A 225 1.94 -2.61 -3.75
C SER A 225 0.63 -2.17 -3.11
N ASN A 226 0.35 -0.87 -3.24
CA ASN A 226 -0.87 -0.25 -2.68
C ASN A 226 -2.18 -0.82 -3.23
N ASP A 227 -2.17 -1.25 -4.49
CA ASP A 227 -3.34 -1.85 -5.15
C ASP A 227 -3.57 -3.34 -4.81
N LEU A 228 -2.60 -4.00 -4.18
CA LEU A 228 -2.68 -5.46 -3.91
C LEU A 228 -3.98 -5.93 -3.27
N PHE A 229 -4.56 -5.13 -2.37
CA PHE A 229 -5.83 -5.50 -1.70
C PHE A 229 -7.01 -5.68 -2.68
N VAL A 230 -7.01 -4.91 -3.77
CA VAL A 230 -8.05 -5.04 -4.81
C VAL A 230 -7.84 -6.33 -5.61
N LEU A 231 -6.58 -6.62 -5.97
CA LEU A 231 -6.22 -7.86 -6.68
C LEU A 231 -6.60 -9.11 -5.87
N ARG A 232 -6.28 -9.10 -4.58
CA ARG A 232 -6.68 -10.16 -3.65
C ARG A 232 -8.16 -10.47 -3.78
N ASP A 233 -8.99 -9.44 -3.59
CA ASP A 233 -10.45 -9.57 -3.61
C ASP A 233 -11.00 -9.98 -4.99
N THR A 234 -10.32 -9.56 -6.05
CA THR A 234 -10.67 -10.00 -7.41
C THR A 234 -10.39 -11.50 -7.58
N LEU A 235 -9.25 -11.98 -7.07
CA LEU A 235 -8.95 -13.42 -7.08
C LEU A 235 -9.97 -14.23 -6.27
N LEU A 236 -10.42 -13.68 -5.14
CA LEU A 236 -11.48 -14.33 -4.34
C LEU A 236 -12.83 -14.38 -5.07
N SER A 237 -13.12 -13.35 -5.86
CA SER A 237 -14.33 -13.35 -6.71
C SER A 237 -14.32 -14.49 -7.73
N CYS A 238 -13.13 -14.91 -8.18
CA CYS A 238 -13.01 -16.05 -9.09
C CYS A 238 -13.43 -17.40 -8.47
N VAL A 239 -13.29 -17.54 -7.15
CA VAL A 239 -13.61 -18.81 -6.46
C VAL A 239 -15.09 -19.15 -6.61
N ASN A 240 -15.94 -18.18 -6.33
CA ASN A 240 -17.39 -18.33 -6.55
C ASN A 240 -17.72 -18.70 -7.99
N ILE A 241 -17.07 -18.05 -8.95
CA ILE A 241 -17.33 -18.28 -10.37
C ILE A 241 -16.90 -19.69 -10.80
N LEU A 242 -15.70 -20.09 -10.40
CA LEU A 242 -15.23 -21.46 -10.60
C LEU A 242 -16.17 -22.47 -9.96
N GLY A 243 -16.68 -22.14 -8.78
CA GLY A 243 -17.70 -22.94 -8.10
C GLY A 243 -18.98 -23.10 -8.90
N SER A 244 -19.44 -22.02 -9.53
CA SER A 244 -20.68 -22.05 -10.34
C SER A 244 -20.58 -22.95 -11.57
N LYS A 245 -19.37 -23.19 -12.05
CA LYS A 245 -19.11 -24.10 -13.18
C LYS A 245 -18.56 -25.47 -12.76
N LYS A 246 -18.48 -25.71 -11.46
CA LYS A 246 -17.90 -26.93 -10.90
C LYS A 246 -16.51 -27.25 -11.45
N TYR A 247 -15.73 -26.20 -11.74
CA TYR A 247 -14.38 -26.33 -12.25
C TYR A 247 -13.46 -25.95 -11.09
N TYR A 248 -13.30 -26.90 -10.18
CA TYR A 248 -12.61 -26.65 -8.91
C TYR A 248 -11.07 -26.65 -9.00
N GLU A 249 -10.53 -27.13 -10.12
CA GLU A 249 -9.07 -27.36 -10.27
C GLU A 249 -8.17 -26.17 -9.86
N PRO A 250 -8.42 -24.96 -10.40
CA PRO A 250 -7.51 -23.84 -10.11
C PRO A 250 -7.76 -23.09 -8.79
N ILE A 251 -8.68 -23.58 -7.95
CA ILE A 251 -9.00 -22.94 -6.67
C ILE A 251 -7.84 -22.95 -5.66
N PRO A 252 -7.17 -24.11 -5.44
CA PRO A 252 -6.02 -24.13 -4.53
C PRO A 252 -4.92 -23.09 -4.82
N LYS A 253 -4.59 -22.91 -6.09
CA LYS A 253 -3.57 -21.93 -6.48
C LYS A 253 -4.02 -20.51 -6.16
N ILE A 254 -5.32 -20.23 -6.30
CA ILE A 254 -5.91 -18.97 -5.84
C ILE A 254 -5.66 -18.77 -4.34
N PHE A 255 -5.91 -19.79 -3.54
CA PHE A 255 -5.65 -19.70 -2.10
C PHE A 255 -4.18 -19.40 -1.80
N ASP A 256 -3.26 -20.08 -2.49
CA ASP A 256 -1.82 -19.83 -2.32
C ASP A 256 -1.52 -18.35 -2.51
N SER A 257 -1.96 -17.83 -3.65
CA SER A 257 -1.73 -16.42 -4.00
C SER A 257 -2.39 -15.43 -3.02
N VAL A 258 -3.63 -15.71 -2.62
CA VAL A 258 -4.34 -14.87 -1.65
C VAL A 258 -3.62 -14.84 -0.29
N ASP A 259 -3.08 -15.98 0.14
CA ASP A 259 -2.28 -16.03 1.38
C ASP A 259 -0.97 -15.25 1.28
N LYS A 260 -0.31 -15.37 0.11
CA LYS A 260 0.95 -14.66 -0.14
C LYS A 260 0.76 -13.15 -0.26
N ILE A 261 -0.39 -12.71 -0.76
CA ILE A 261 -0.76 -11.29 -0.76
C ILE A 261 -1.01 -10.81 0.67
N ILE A 262 -1.80 -11.57 1.43
CA ILE A 262 -2.08 -11.28 2.86
C ILE A 262 -0.77 -11.10 3.67
N GLN A 263 0.27 -11.85 3.31
CA GLN A 263 1.56 -11.76 3.99
C GLN A 263 2.30 -10.44 3.69
N SER A 264 2.33 -10.04 2.41
CA SER A 264 3.01 -8.80 1.99
C SER A 264 2.30 -7.56 2.52
N THR A 265 0.99 -7.51 2.31
CA THR A 265 0.15 -6.40 2.76
C THR A 265 0.05 -6.33 4.28
N GLN A 266 0.16 -7.47 4.96
CA GLN A 266 -0.02 -7.53 6.41
C GLN A 266 -1.45 -7.08 6.80
N ASP A 267 -2.41 -7.42 5.93
CA ASP A 267 -3.78 -6.91 6.03
C ASP A 267 -4.63 -7.80 6.93
N PHE A 268 -4.53 -9.11 6.75
CA PHE A 268 -5.10 -10.10 7.70
C PHE A 268 -6.65 -10.05 7.89
N GLN A 269 -7.39 -9.08 7.34
CA GLN A 269 -8.83 -8.98 7.55
C GLN A 269 -9.59 -10.11 6.87
N LYS A 270 -9.01 -10.64 5.79
CA LYS A 270 -9.60 -11.73 5.02
C LYS A 270 -9.15 -13.14 5.46
N LYS A 271 -8.28 -13.23 6.47
CA LYS A 271 -7.89 -14.53 7.07
C LYS A 271 -9.07 -15.47 7.39
N PRO A 272 -10.14 -14.95 8.06
CA PRO A 272 -11.31 -15.79 8.31
C PRO A 272 -12.09 -16.19 7.05
N ILE A 273 -12.36 -15.23 6.16
CA ILE A 273 -13.01 -15.49 4.87
C ILE A 273 -12.28 -16.61 4.12
N VAL A 274 -10.96 -16.50 4.02
CA VAL A 274 -10.13 -17.50 3.32
C VAL A 274 -10.20 -18.86 4.01
N SER A 275 -10.04 -18.88 5.33
CA SER A 275 -10.12 -20.14 6.09
C SER A 275 -11.47 -20.85 5.93
N VAL A 276 -12.57 -20.09 5.83
CA VAL A 276 -13.89 -20.68 5.56
C VAL A 276 -13.91 -21.29 4.16
N LEU A 277 -13.54 -20.50 3.15
CA LEU A 277 -13.44 -20.96 1.77
C LEU A 277 -12.54 -22.20 1.62
N LYS A 278 -11.45 -22.23 2.39
CA LYS A 278 -10.57 -23.40 2.44
C LYS A 278 -11.27 -24.65 2.99
N TRP A 279 -12.04 -24.48 4.07
CA TRP A 279 -12.77 -25.62 4.65
C TRP A 279 -13.83 -26.14 3.69
N LYS A 280 -14.50 -25.23 2.97
CA LYS A 280 -15.58 -25.61 2.06
C LYS A 280 -15.06 -26.43 0.89
N TYR A 281 -13.89 -26.07 0.37
CA TYR A 281 -13.22 -26.86 -0.67
C TYR A 281 -12.95 -28.27 -0.15
N ALA A 282 -12.28 -28.37 1.00
CA ALA A 282 -11.98 -29.66 1.62
C ALA A 282 -13.23 -30.49 1.91
N LEU A 283 -14.28 -29.84 2.39
CA LEU A 283 -15.53 -30.50 2.76
C LEU A 283 -16.39 -30.93 1.57
N PHE A 284 -16.59 -30.04 0.59
CA PHE A 284 -17.50 -30.29 -0.53
C PHE A 284 -16.83 -30.83 -1.81
N VAL A 285 -15.57 -30.46 -2.05
CA VAL A 285 -14.81 -30.92 -3.23
C VAL A 285 -14.04 -32.21 -2.90
N ASP A 286 -13.16 -32.15 -1.90
CA ASP A 286 -12.36 -33.30 -1.48
C ASP A 286 -13.11 -34.29 -0.57
N LYS A 287 -14.26 -33.87 -0.01
CA LYS A 287 -15.08 -34.70 0.87
C LYS A 287 -14.25 -35.30 2.02
N ASP A 288 -13.45 -34.43 2.64
CA ASP A 288 -12.44 -34.79 3.63
C ASP A 288 -12.60 -33.84 4.83
N ARG A 289 -13.53 -34.16 5.73
CA ARG A 289 -13.87 -33.26 6.84
C ARG A 289 -12.94 -33.34 8.07
N ASP A 290 -11.89 -34.17 8.00
CA ASP A 290 -10.78 -34.08 8.96
C ASP A 290 -9.89 -32.90 8.61
N GLU A 291 -9.62 -32.72 7.32
CA GLU A 291 -8.87 -31.57 6.81
C GLU A 291 -9.67 -30.27 6.87
N ALA A 292 -11.00 -30.38 6.75
CA ALA A 292 -11.89 -29.21 6.79
C ALA A 292 -12.01 -28.66 8.20
N GLU A 293 -12.25 -29.54 9.18
CA GLU A 293 -12.35 -29.15 10.59
C GLU A 293 -11.16 -28.32 11.07
N LYS A 294 -9.96 -28.62 10.54
CA LYS A 294 -8.75 -27.85 10.87
C LYS A 294 -8.90 -26.36 10.55
N HIS A 295 -9.30 -26.06 9.33
CA HIS A 295 -9.53 -24.68 8.90
C HIS A 295 -10.67 -24.02 9.68
N TYR A 296 -11.71 -24.79 9.99
CA TYR A 296 -12.80 -24.32 10.87
C TYR A 296 -12.26 -23.82 12.21
N LEU A 297 -11.32 -24.57 12.79
CA LEU A 297 -10.72 -24.20 14.07
C LEU A 297 -9.82 -22.96 13.98
N ASP A 298 -9.09 -22.81 12.87
CA ASP A 298 -8.29 -21.60 12.61
C ASP A 298 -9.18 -20.36 12.63
N ALA A 299 -10.26 -20.40 11.86
CA ALA A 299 -11.23 -19.30 11.77
C ALA A 299 -11.83 -18.90 13.11
N VAL A 300 -12.12 -19.90 13.95
CA VAL A 300 -12.64 -19.65 15.31
C VAL A 300 -11.56 -19.01 16.17
N LEU A 301 -10.37 -19.63 16.22
CA LEU A 301 -9.22 -19.07 16.96
C LEU A 301 -8.98 -17.60 16.59
N PHE A 302 -9.00 -17.32 15.29
CA PHE A 302 -8.86 -15.95 14.80
C PHE A 302 -9.92 -15.03 15.40
N ALA A 303 -11.20 -15.40 15.25
CA ALA A 303 -12.33 -14.61 15.76
C ALA A 303 -12.30 -14.42 17.28
N LYS A 304 -11.71 -15.39 17.99
CA LYS A 304 -11.45 -15.27 19.43
C LYS A 304 -10.37 -14.23 19.73
N LEU A 305 -9.26 -14.28 18.99
CA LEU A 305 -8.10 -13.39 19.23
C LEU A 305 -8.43 -11.91 18.99
N ILE A 306 -9.13 -11.61 17.89
CA ILE A 306 -9.60 -10.23 17.64
C ILE A 306 -10.85 -9.83 18.45
N GLU A 307 -11.41 -10.77 19.21
CA GLU A 307 -12.55 -10.54 20.10
C GLU A 307 -13.76 -10.02 19.33
N ASN A 308 -14.10 -10.73 18.26
CA ASN A 308 -15.28 -10.45 17.45
C ASN A 308 -16.30 -11.57 17.62
N ARG A 309 -17.21 -11.37 18.58
CA ARG A 309 -18.25 -12.34 18.90
C ARG A 309 -19.13 -12.66 17.69
N GLU A 310 -19.62 -11.61 17.01
CA GLU A 310 -20.48 -11.76 15.82
C GLU A 310 -19.86 -12.68 14.78
N LEU A 311 -18.60 -12.43 14.45
CA LEU A 311 -17.82 -13.25 13.52
C LEU A 311 -17.67 -14.68 14.01
N GLU A 312 -17.36 -14.84 15.29
CA GLU A 312 -17.22 -16.16 15.92
C GLU A 312 -18.53 -16.95 15.78
N GLN A 313 -19.65 -16.33 16.16
CA GLN A 313 -20.97 -16.95 16.07
C GLN A 313 -21.38 -17.31 14.63
N LYS A 314 -21.02 -16.44 13.67
CA LYS A 314 -21.23 -16.70 12.25
C LYS A 314 -20.45 -17.93 11.78
N ILE A 315 -19.19 -18.02 12.18
CA ILE A 315 -18.32 -19.15 11.82
C ILE A 315 -18.85 -20.44 12.46
N GLU A 316 -19.26 -20.36 13.73
CA GLU A 316 -19.85 -21.51 14.44
C GLU A 316 -21.12 -21.99 13.74
N GLU A 317 -21.95 -21.03 13.33
CA GLU A 317 -23.22 -21.35 12.66
C GLU A 317 -23.01 -22.00 11.30
N ASP A 318 -22.17 -21.40 10.46
CA ASP A 318 -21.86 -21.96 9.12
C ASP A 318 -21.34 -23.40 9.18
N TRP A 319 -20.46 -23.66 10.15
CA TRP A 319 -19.92 -25.02 10.36
C TRP A 319 -21.02 -26.02 10.70
N ARG A 320 -21.96 -25.60 11.55
CA ARG A 320 -23.14 -26.42 11.91
C ARG A 320 -24.00 -26.72 10.66
N VAL A 321 -24.34 -25.66 9.92
CA VAL A 321 -25.11 -25.76 8.67
C VAL A 321 -24.46 -26.74 7.68
N ASP A 322 -23.14 -26.69 7.56
CA ASP A 322 -22.39 -27.54 6.62
C ASP A 322 -22.19 -29.00 7.06
N ASN A 323 -22.79 -29.41 8.19
CA ASN A 323 -22.75 -30.82 8.61
C ASN A 323 -24.16 -31.44 8.76
N GLN A 324 -25.05 -31.08 7.83
CA GLN A 324 -26.38 -31.67 7.71
C GLN A 324 -26.42 -32.67 6.55
N PRO B 16 17.41 1.64 -24.60
CA PRO B 16 18.58 2.52 -24.67
C PRO B 16 19.50 2.46 -23.45
N ARG B 17 19.89 1.24 -23.06
CA ARG B 17 20.83 1.02 -21.95
C ARG B 17 22.26 1.38 -22.33
N GLY B 18 23.12 1.44 -21.31
CA GLY B 18 24.56 1.69 -21.50
C GLY B 18 25.28 0.59 -22.28
N SER B 19 24.91 -0.67 -22.01
CA SER B 19 25.46 -1.83 -22.75
C SER B 19 25.12 -1.82 -24.24
N HIS B 20 23.93 -1.30 -24.57
CA HIS B 20 23.45 -1.22 -25.96
C HIS B 20 24.10 -0.07 -26.75
N MET B 21 24.35 1.06 -26.08
CA MET B 21 25.16 2.16 -26.65
C MET B 21 26.68 1.97 -26.47
N GLU B 22 27.08 0.90 -25.76
CA GLU B 22 28.48 0.53 -25.52
C GLU B 22 29.26 1.51 -24.60
N VAL B 23 28.53 2.42 -23.93
CA VAL B 23 29.15 3.43 -23.07
C VAL B 23 29.58 2.83 -21.72
N TRP B 24 30.34 3.62 -20.96
CA TRP B 24 30.83 3.23 -19.63
C TRP B 24 29.71 3.30 -18.59
N PHE B 25 29.74 2.40 -17.61
CA PHE B 25 28.72 2.35 -16.55
C PHE B 25 28.90 3.47 -15.55
N MET B 26 27.79 4.15 -15.22
CA MET B 26 27.80 5.26 -14.28
C MET B 26 27.65 4.82 -12.82
N ASN B 27 28.81 4.67 -12.16
CA ASN B 27 28.87 4.51 -10.70
C ASN B 27 28.61 5.87 -10.04
N ASP B 28 28.63 5.90 -8.70
CA ASP B 28 28.23 7.07 -7.92
C ASP B 28 28.90 8.40 -8.32
N LYS B 29 30.21 8.37 -8.54
CA LYS B 29 30.96 9.60 -8.88
C LYS B 29 30.53 10.14 -10.25
N GLU B 30 30.71 9.33 -11.28
CA GLU B 30 30.45 9.75 -12.66
C GLU B 30 28.96 10.02 -12.94
N PHE B 31 28.05 9.45 -12.14
CA PHE B 31 26.63 9.84 -12.17
C PHE B 31 26.44 11.24 -11.58
N GLY B 32 27.03 11.47 -10.41
CA GLY B 32 27.04 12.79 -9.80
C GLY B 32 27.52 13.87 -10.75
N GLN B 33 28.60 13.57 -11.47
CA GLN B 33 29.15 14.43 -12.51
C GLN B 33 28.12 14.77 -13.59
N ARG B 34 27.37 13.77 -14.04
CA ARG B 34 26.29 13.98 -15.03
C ARG B 34 25.16 14.85 -14.48
N VAL B 35 24.71 14.56 -13.25
CA VAL B 35 23.61 15.32 -12.64
C VAL B 35 23.96 16.80 -12.54
N ARG B 36 25.21 17.11 -12.18
CA ARG B 36 25.68 18.49 -12.14
C ARG B 36 25.61 19.13 -13.52
N GLN B 37 26.26 18.51 -14.50
CA GLN B 37 26.26 18.98 -15.90
C GLN B 37 24.87 19.43 -16.34
N LEU B 38 23.91 18.51 -16.25
CA LEU B 38 22.55 18.74 -16.74
C LEU B 38 21.84 19.88 -16.01
N ARG B 39 22.01 19.95 -14.69
CA ARG B 39 21.47 21.04 -13.88
C ARG B 39 22.06 22.40 -14.31
N GLU B 40 23.39 22.46 -14.33
CA GLU B 40 24.12 23.69 -14.68
C GLU B 40 23.70 24.21 -16.06
N SER B 41 23.74 23.34 -17.07
CA SER B 41 23.38 23.72 -18.44
C SER B 41 21.90 24.08 -18.63
N ALA B 42 21.05 23.71 -17.67
CA ALA B 42 19.67 24.21 -17.59
C ALA B 42 19.53 25.49 -16.75
N SER B 43 20.64 26.19 -16.49
CA SER B 43 20.67 27.48 -15.77
C SER B 43 20.12 27.47 -14.31
N MET B 44 19.92 26.29 -13.74
CA MET B 44 19.39 26.15 -12.38
C MET B 44 20.56 26.04 -11.40
N THR B 45 20.36 26.56 -10.19
CA THR B 45 21.27 26.34 -9.06
C THR B 45 20.61 25.37 -8.07
N ARG B 46 21.39 24.86 -7.13
CA ARG B 46 20.94 23.82 -6.21
C ARG B 46 19.70 24.23 -5.43
N GLU B 47 19.68 25.50 -5.02
CA GLU B 47 18.63 26.08 -4.20
C GLU B 47 17.31 26.13 -4.98
N GLN B 48 17.40 26.61 -6.22
CA GLN B 48 16.27 26.60 -7.16
C GLN B 48 15.79 25.18 -7.45
N PHE B 49 16.74 24.28 -7.67
CA PHE B 49 16.47 22.91 -8.12
C PHE B 49 15.67 22.10 -7.10
N CYS B 50 16.19 22.05 -5.87
CA CYS B 50 15.54 21.32 -4.77
C CYS B 50 14.20 21.91 -4.33
N ASP B 51 14.02 23.21 -4.58
CA ASP B 51 12.71 23.89 -4.43
C ASP B 51 12.26 23.97 -2.95
N ASP B 52 11.33 23.11 -2.53
CA ASP B 52 10.85 23.07 -1.15
C ASP B 52 11.60 22.02 -0.31
N GLU B 53 12.48 21.27 -0.96
CA GLU B 53 13.38 20.30 -0.32
C GLU B 53 12.67 19.13 0.37
N LEU B 54 11.44 18.81 -0.03
CA LEU B 54 10.70 17.70 0.59
C LEU B 54 11.18 16.36 0.05
N GLU B 55 11.27 16.24 -1.27
CA GLU B 55 11.72 15.02 -1.93
C GLU B 55 13.25 14.94 -1.98
N LEU B 56 13.89 16.04 -2.37
CA LEU B 56 15.34 16.12 -2.45
C LEU B 56 15.82 17.40 -1.77
N SER B 57 16.75 17.25 -0.81
CA SER B 57 17.34 18.39 -0.09
C SER B 57 18.63 18.88 -0.78
N VAL B 58 19.00 20.13 -0.48
CA VAL B 58 20.20 20.75 -1.07
C VAL B 58 21.48 20.02 -0.65
N ARG B 59 21.55 19.68 0.64
CA ARG B 59 22.67 18.92 1.18
C ARG B 59 22.74 17.53 0.55
N GLN B 60 21.57 16.89 0.42
CA GLN B 60 21.44 15.58 -0.21
C GLN B 60 21.89 15.62 -1.67
N LEU B 61 21.53 16.68 -2.39
CA LEU B 61 21.93 16.87 -3.79
C LEU B 61 23.44 17.07 -3.93
N THR B 62 24.00 17.92 -3.09
CA THR B 62 25.44 18.21 -3.09
C THR B 62 26.27 16.92 -2.99
N ARG B 63 25.89 16.05 -2.07
CA ARG B 63 26.58 14.77 -1.86
C ARG B 63 26.38 13.77 -3.01
N ILE B 64 25.22 13.85 -3.68
CA ILE B 64 24.97 13.08 -4.90
C ILE B 64 25.90 13.53 -6.03
N GLU B 65 25.93 14.84 -6.29
CA GLU B 65 26.86 15.41 -7.28
C GLU B 65 28.31 15.10 -6.95
N ALA B 66 28.64 15.20 -5.66
CA ALA B 66 29.98 14.85 -5.16
C ALA B 66 30.35 13.38 -5.34
N GLY B 67 29.35 12.51 -5.45
CA GLY B 67 29.58 11.07 -5.58
C GLY B 67 29.70 10.36 -4.24
N ALA B 68 29.31 11.05 -3.16
CA ALA B 68 29.38 10.52 -1.80
C ALA B 68 28.07 9.87 -1.34
N SER B 69 26.99 10.11 -2.08
CA SER B 69 25.67 9.60 -1.72
C SER B 69 24.97 9.06 -2.98
N LYS B 70 24.46 7.83 -2.89
CA LYS B 70 23.70 7.22 -3.98
C LYS B 70 22.20 7.52 -3.78
N PRO B 71 21.50 8.00 -4.82
CA PRO B 71 20.11 8.41 -4.64
C PRO B 71 19.12 7.25 -4.63
N THR B 72 18.09 7.38 -3.79
CA THR B 72 16.94 6.47 -3.78
C THR B 72 16.12 6.67 -5.07
N PHE B 73 15.29 5.68 -5.42
CA PHE B 73 14.45 5.75 -6.63
C PHE B 73 13.64 7.04 -6.74
N SER B 74 12.94 7.39 -5.65
CA SER B 74 12.13 8.61 -5.57
C SER B 74 12.93 9.89 -5.85
N LYS B 75 14.19 9.89 -5.41
CA LYS B 75 15.09 11.02 -5.63
C LYS B 75 15.55 11.12 -7.09
N ILE B 76 15.84 9.97 -7.72
CA ILE B 76 16.24 9.96 -9.14
C ILE B 76 15.06 10.46 -9.98
N GLN B 77 13.90 9.85 -9.74
CA GLN B 77 12.61 10.26 -10.32
C GLN B 77 12.43 11.78 -10.29
N TYR B 78 12.64 12.38 -9.13
CA TYR B 78 12.51 13.83 -8.96
C TYR B 78 13.56 14.58 -9.78
N ILE B 79 14.81 14.14 -9.73
CA ILE B 79 15.92 14.78 -10.47
C ILE B 79 15.64 14.77 -11.98
N ALA B 80 15.06 13.68 -12.48
CA ALA B 80 14.72 13.53 -13.91
C ALA B 80 13.55 14.43 -14.30
N THR B 81 12.40 14.27 -13.64
CA THR B 81 11.22 15.13 -13.85
C THR B 81 11.56 16.61 -13.79
N ARG B 82 12.38 17.00 -12.82
CA ARG B 82 12.83 18.40 -12.68
C ARG B 82 13.70 18.89 -13.85
N LEU B 83 14.35 17.96 -14.56
CA LEU B 83 15.09 18.25 -15.80
C LEU B 83 14.30 17.98 -17.11
N GLY B 84 13.02 17.64 -16.98
CA GLY B 84 12.18 17.27 -18.13
C GLY B 84 12.43 15.90 -18.74
N MET B 85 13.31 15.10 -18.14
CA MET B 85 13.74 13.82 -18.69
C MET B 85 12.96 12.66 -18.08
N GLY B 86 13.00 11.52 -18.78
CA GLY B 86 12.54 10.26 -18.23
C GLY B 86 13.56 9.73 -17.24
N LEU B 87 13.11 8.82 -16.38
CA LEU B 87 13.97 8.13 -15.42
C LEU B 87 15.17 7.49 -16.10
N TYR B 88 14.88 6.67 -17.11
CA TYR B 88 15.91 5.93 -17.84
C TYR B 88 16.76 6.79 -18.79
N GLU B 89 16.23 7.94 -19.21
CA GLU B 89 17.04 8.90 -19.98
C GLU B 89 18.18 9.46 -19.12
N LEU B 90 17.90 9.69 -17.84
CA LEU B 90 18.90 10.15 -16.89
C LEU B 90 19.87 9.03 -16.49
N MET B 91 19.31 7.91 -16.03
CA MET B 91 20.09 6.76 -15.58
C MET B 91 19.67 5.51 -16.36
N PRO B 92 20.21 5.34 -17.59
CA PRO B 92 19.91 4.18 -18.45
C PRO B 92 20.09 2.82 -17.80
N ASP B 93 21.12 2.69 -16.96
CA ASP B 93 21.46 1.42 -16.33
C ASP B 93 20.82 1.21 -14.95
N TYR B 94 19.78 1.99 -14.64
CA TYR B 94 19.08 1.86 -13.36
C TYR B 94 18.52 0.45 -13.14
N VAL B 95 18.64 -0.04 -11.92
CA VAL B 95 17.99 -1.28 -11.49
C VAL B 95 17.34 -1.05 -10.13
N SER B 96 16.24 -1.75 -9.87
CA SER B 96 15.55 -1.64 -8.59
C SER B 96 16.28 -2.48 -7.54
N LEU B 97 15.99 -2.20 -6.26
CA LEU B 97 16.64 -2.86 -5.14
C LEU B 97 16.57 -4.39 -5.27
N PRO B 98 17.69 -5.09 -5.01
CA PRO B 98 17.71 -6.56 -5.02
C PRO B 98 16.52 -7.18 -4.31
N GLU B 99 15.91 -8.20 -4.94
CA GLU B 99 14.72 -8.85 -4.38
C GLU B 99 15.02 -9.54 -3.06
N ARG B 100 16.20 -10.16 -2.96
CA ARG B 100 16.64 -10.82 -1.74
C ARG B 100 16.77 -9.85 -0.57
N TYR B 101 17.37 -8.68 -0.83
CA TYR B 101 17.45 -7.60 0.15
C TYR B 101 16.06 -7.19 0.67
N SER B 102 15.18 -6.77 -0.26
CA SER B 102 13.85 -6.28 0.10
C SER B 102 13.02 -7.27 0.90
N LYS B 103 13.17 -8.56 0.58
CA LYS B 103 12.59 -9.66 1.36
C LYS B 103 13.12 -9.69 2.81
N LEU B 104 14.45 -9.70 2.95
CA LEU B 104 15.10 -9.72 4.26
C LEU B 104 14.65 -8.55 5.15
N LYS B 105 14.62 -7.35 4.56
CA LYS B 105 14.15 -6.16 5.26
C LYS B 105 12.73 -6.35 5.76
N PHE B 106 11.85 -6.81 4.87
CA PHE B 106 10.45 -7.04 5.19
C PHE B 106 10.25 -8.06 6.31
N ASP B 107 10.97 -9.18 6.22
CA ASP B 107 10.91 -10.24 7.25
C ASP B 107 11.38 -9.72 8.60
N VAL B 108 12.53 -9.03 8.62
CA VAL B 108 13.08 -8.41 9.83
C VAL B 108 12.06 -7.53 10.55
N LEU B 109 11.46 -6.60 9.81
CA LEU B 109 10.49 -5.65 10.36
C LEU B 109 9.20 -6.30 10.88
N ARG B 110 8.82 -7.44 10.29
CA ARG B 110 7.59 -8.14 10.67
C ARG B 110 7.76 -9.27 11.71
N THR B 111 8.97 -9.47 12.20
CA THR B 111 9.25 -10.52 13.20
C THR B 111 8.76 -10.06 14.59
N PRO B 112 7.84 -10.83 15.22
CA PRO B 112 7.58 -10.55 16.64
C PRO B 112 8.69 -11.18 17.50
N THR B 113 9.34 -10.37 18.34
CA THR B 113 10.50 -10.82 19.12
C THR B 113 10.10 -11.31 20.51
N TYR B 114 9.32 -10.51 21.24
CA TYR B 114 8.95 -10.80 22.64
C TYR B 114 8.25 -12.14 22.77
N GLY B 115 8.85 -13.02 23.57
CA GLY B 115 8.30 -14.34 23.81
C GLY B 115 8.93 -15.43 22.96
N ASN B 116 9.48 -15.08 21.79
CA ASN B 116 10.18 -16.05 20.96
C ASN B 116 11.67 -15.78 20.89
N GLU B 117 12.44 -16.64 21.54
CA GLU B 117 13.90 -16.62 21.49
C GLU B 117 14.43 -17.06 20.12
N ASP B 118 13.71 -17.97 19.46
CA ASP B 118 14.17 -18.57 18.20
C ASP B 118 14.02 -17.62 17.01
N LEU B 119 12.91 -16.90 16.94
CA LEU B 119 12.64 -15.94 15.86
C LEU B 119 13.52 -14.70 15.96
N ALA B 120 13.77 -14.25 17.18
CA ALA B 120 14.73 -13.17 17.43
C ALA B 120 16.18 -13.53 17.03
N GLU B 121 16.49 -14.83 16.98
CA GLU B 121 17.77 -15.32 16.47
C GLU B 121 17.83 -15.29 14.94
N LYS B 122 16.73 -15.67 14.27
CA LYS B 122 16.65 -15.57 12.80
C LYS B 122 16.70 -14.11 12.34
N ARG B 123 16.12 -13.22 13.14
CA ARG B 123 16.09 -11.78 12.86
C ARG B 123 17.49 -11.21 12.67
N ASP B 124 18.33 -11.31 13.69
CA ASP B 124 19.71 -10.78 13.59
C ASP B 124 20.56 -11.53 12.56
N ALA B 125 20.23 -12.81 12.31
CA ALA B 125 20.86 -13.55 11.22
C ALA B 125 20.60 -12.89 9.87
N MET B 126 19.33 -12.55 9.61
CA MET B 126 18.92 -11.79 8.41
C MET B 126 19.65 -10.46 8.32
N MET B 127 19.67 -9.71 9.43
CA MET B 127 20.37 -8.42 9.47
C MET B 127 21.84 -8.54 9.09
N THR B 128 22.50 -9.61 9.52
CA THR B 128 23.91 -9.85 9.16
C THR B 128 24.04 -10.09 7.65
N GLU B 129 23.20 -10.97 7.10
CA GLU B 129 23.15 -11.20 5.66
C GLU B 129 22.99 -9.91 4.85
N ILE B 130 22.12 -9.01 5.33
CA ILE B 130 21.95 -7.69 4.71
C ILE B 130 23.29 -6.94 4.69
N TYR B 131 23.94 -6.87 5.86
CA TYR B 131 25.23 -6.16 6.00
C TYR B 131 26.34 -6.78 5.16
N ASP B 132 26.40 -8.11 5.12
CA ASP B 132 27.43 -8.83 4.37
C ASP B 132 27.29 -8.64 2.85
N ASP B 133 26.06 -8.71 2.34
CA ASP B 133 25.81 -8.87 0.91
C ASP B 133 25.26 -7.63 0.17
N TYR B 134 24.38 -6.86 0.80
CA TYR B 134 23.65 -5.79 0.09
C TYR B 134 23.85 -4.35 0.59
N TYR B 135 24.13 -4.19 1.89
CA TYR B 135 24.13 -2.87 2.53
C TYR B 135 25.06 -1.86 1.88
N ASP B 136 26.31 -2.26 1.64
CA ASP B 136 27.32 -1.36 1.06
C ASP B 136 26.93 -0.73 -0.28
N GLU B 137 26.06 -1.41 -1.03
CA GLU B 137 25.60 -0.95 -2.35
C GLU B 137 24.17 -0.39 -2.39
N LEU B 138 23.54 -0.20 -1.22
CA LEU B 138 22.21 0.41 -1.18
C LEU B 138 22.31 1.92 -1.41
N PRO B 139 21.19 2.57 -1.77
CA PRO B 139 21.15 4.04 -1.75
C PRO B 139 21.26 4.57 -0.31
N GLU B 140 21.62 5.84 -0.17
CA GLU B 140 21.93 6.41 1.15
C GLU B 140 20.76 6.28 2.12
N GLU B 141 19.59 6.78 1.71
CA GLU B 141 18.38 6.74 2.55
C GLU B 141 18.09 5.33 3.06
N GLU B 142 18.36 4.35 2.23
CA GLU B 142 18.13 2.94 2.55
C GLU B 142 19.13 2.43 3.60
N LYS B 143 20.40 2.87 3.50
CA LYS B 143 21.41 2.56 4.52
C LYS B 143 21.00 3.10 5.89
N ILE B 144 20.60 4.36 5.92
CA ILE B 144 20.22 5.04 7.16
C ILE B 144 19.03 4.32 7.81
N ALA B 145 18.06 3.92 6.99
CA ALA B 145 16.86 3.19 7.45
C ALA B 145 17.18 1.81 8.04
N ILE B 146 18.17 1.12 7.48
CA ILE B 146 18.65 -0.15 8.04
C ILE B 146 19.35 0.08 9.38
N ASP B 147 20.16 1.12 9.45
CA ASP B 147 20.83 1.48 10.70
C ASP B 147 19.82 1.88 11.76
N ALA B 148 18.80 2.64 11.36
CA ALA B 148 17.69 3.03 12.25
C ALA B 148 17.00 1.87 12.99
N ILE B 149 17.03 0.66 12.42
CA ILE B 149 16.40 -0.53 13.03
C ILE B 149 16.99 -0.86 14.41
N GLN B 150 18.31 -0.79 14.55
CA GLN B 150 18.94 -1.16 15.81
C GLN B 150 20.30 -0.50 16.15
N SER B 151 20.60 0.67 15.57
CA SER B 151 21.80 1.42 15.92
C SER B 151 21.52 2.25 17.17
N ARG B 152 22.49 2.34 18.07
CA ARG B 152 22.40 3.21 19.25
C ARG B 152 23.48 4.28 19.22
N ILE B 153 23.09 5.51 19.56
CA ILE B 153 24.01 6.64 19.57
C ILE B 153 24.52 6.88 21.00
N ASP B 154 25.82 6.72 21.20
CA ASP B 154 26.47 6.93 22.51
C ASP B 154 26.70 8.41 22.85
N THR B 155 26.82 9.26 21.84
CA THR B 155 27.24 10.66 22.06
C THR B 155 26.42 11.66 21.23
N LEU B 156 26.01 12.74 21.89
CA LEU B 156 25.12 13.77 21.32
C LEU B 156 25.76 14.48 20.12
N GLU B 157 27.08 14.64 20.17
CA GLU B 157 27.86 15.26 19.09
C GLU B 157 27.96 14.39 17.85
N SER B 158 28.11 13.08 18.03
CA SER B 158 28.37 12.15 16.91
C SER B 158 27.09 11.62 16.24
N GLY B 159 27.28 11.02 15.07
CA GLY B 159 26.18 10.40 14.32
C GLY B 159 26.18 8.89 14.53
N THR B 160 25.78 8.14 13.50
CA THR B 160 25.67 6.68 13.58
C THR B 160 26.93 5.92 13.19
N ALA B 161 28.05 6.61 12.93
CA ALA B 161 29.24 5.98 12.33
C ALA B 161 28.92 5.58 10.88
N GLY B 162 29.74 6.04 9.95
CA GLY B 162 29.37 6.09 8.53
C GLY B 162 28.67 7.39 8.18
N PHE B 163 27.68 7.79 8.98
CA PHE B 163 26.97 9.06 8.78
C PHE B 163 27.12 9.98 9.99
N GLY B 164 27.56 11.22 9.75
CA GLY B 164 27.67 12.25 10.78
C GLY B 164 26.34 12.93 11.01
N LYS B 165 26.16 13.46 12.22
CA LYS B 165 24.89 14.07 12.67
C LYS B 165 24.24 15.00 11.64
N GLU B 166 25.01 15.95 11.13
CA GLU B 166 24.55 16.92 10.12
C GLU B 166 23.78 16.30 8.93
N ILE B 167 24.15 15.08 8.53
CA ILE B 167 23.43 14.33 7.51
C ILE B 167 22.07 13.93 8.07
N LEU B 168 22.07 13.31 9.25
CA LEU B 168 20.86 12.76 9.87
C LEU B 168 19.86 13.87 10.18
N GLU B 169 20.36 14.99 10.69
CA GLU B 169 19.57 16.21 10.95
C GLU B 169 18.81 16.63 9.69
N ASP B 170 19.52 16.66 8.57
CA ASP B 170 18.94 17.00 7.27
C ASP B 170 17.81 16.06 6.88
N TYR B 171 18.00 14.76 7.13
CA TYR B 171 16.93 13.77 6.93
C TYR B 171 15.77 13.98 7.91
N PHE B 172 16.09 14.29 9.18
CA PHE B 172 15.05 14.54 10.20
C PHE B 172 14.20 15.74 9.84
N GLU B 173 14.86 16.85 9.51
CA GLU B 173 14.16 18.08 9.11
C GLU B 173 13.27 17.87 7.90
N GLN B 174 13.75 17.08 6.95
CA GLN B 174 12.96 16.68 5.76
C GLN B 174 11.63 16.01 6.14
N ILE B 175 11.71 15.10 7.11
CA ILE B 175 10.54 14.32 7.55
C ILE B 175 9.51 15.18 8.30
N PHE B 176 9.95 16.09 9.15
CA PHE B 176 9.01 16.93 9.91
C PHE B 176 8.14 17.76 8.99
N ARG B 177 8.72 18.22 7.88
CA ARG B 177 8.01 19.02 6.90
C ARG B 177 7.04 18.19 6.04
N LYS B 178 7.38 16.93 5.77
CA LYS B 178 6.53 16.02 4.97
C LYS B 178 5.09 15.95 5.48
N ARG B 179 4.15 15.88 4.53
CA ARG B 179 2.71 15.69 4.80
C ARG B 179 2.37 14.21 5.00
N LYS B 180 3.05 13.34 4.24
CA LYS B 180 2.82 11.89 4.30
C LYS B 180 4.16 11.16 4.39
N TYR B 181 4.34 10.38 5.47
CA TYR B 181 5.57 9.64 5.71
C TYR B 181 5.56 8.37 4.88
N GLU B 182 6.69 8.06 4.23
CA GLU B 182 6.91 6.76 3.60
C GLU B 182 7.50 5.80 4.64
N LEU B 183 7.66 4.53 4.26
CA LEU B 183 8.16 3.51 5.18
C LEU B 183 9.54 3.88 5.75
N ASN B 184 10.46 4.32 4.89
CA ASN B 184 11.80 4.72 5.36
C ASN B 184 11.79 5.92 6.30
N ASP B 185 10.82 6.82 6.14
CA ASP B 185 10.66 7.95 7.08
C ASP B 185 10.30 7.46 8.49
N LEU B 186 9.39 6.48 8.56
CA LEU B 186 8.99 5.88 9.82
C LEU B 186 10.13 5.14 10.52
N LEU B 187 11.05 4.58 9.73
CA LEU B 187 12.27 3.98 10.28
C LEU B 187 13.27 5.04 10.72
N ILE B 188 13.60 5.97 9.83
CA ILE B 188 14.66 6.97 10.08
C ILE B 188 14.34 7.87 11.29
N VAL B 189 13.06 8.15 11.54
CA VAL B 189 12.62 8.86 12.76
C VAL B 189 13.16 8.21 14.03
N ARG B 190 13.25 6.88 14.05
CA ARG B 190 13.73 6.14 15.23
C ARG B 190 15.15 6.53 15.67
N LEU B 191 15.98 6.99 14.73
CA LEU B 191 17.28 7.57 15.08
C LEU B 191 17.18 8.88 15.85
N HIS B 192 16.22 9.73 15.49
CA HIS B 192 15.97 10.96 16.24
C HIS B 192 15.64 10.67 17.70
N LEU B 193 14.93 9.56 17.95
CA LEU B 193 14.64 9.12 19.31
C LEU B 193 15.91 8.79 20.11
N GLU B 194 16.90 8.17 19.49
CA GLU B 194 18.17 7.89 20.16
C GLU B 194 18.92 9.16 20.63
N TYR B 195 18.75 10.27 19.91
CA TYR B 195 19.29 11.58 20.35
C TYR B 195 18.52 12.16 21.53
N VAL B 196 17.19 11.96 21.55
CA VAL B 196 16.34 12.38 22.65
C VAL B 196 16.79 11.73 23.96
N ARG B 197 17.18 10.46 23.89
CA ARG B 197 17.72 9.70 25.04
C ARG B 197 18.89 10.40 25.75
N LEU B 198 19.72 11.11 24.99
CA LEU B 198 20.90 11.81 25.52
C LEU B 198 20.67 13.26 25.97
N SER B 199 19.50 13.83 25.64
CA SER B 199 19.23 15.25 25.88
C SER B 199 18.39 15.47 27.14
N SER B 200 18.49 16.67 27.71
CA SER B 200 17.71 17.02 28.89
C SER B 200 16.21 17.17 28.57
N CYS B 201 15.39 17.06 29.60
CA CYS B 201 13.94 17.32 29.47
C CYS B 201 13.68 18.75 28.97
N ASP B 202 14.55 19.69 29.38
CA ASP B 202 14.47 21.11 28.96
C ASP B 202 14.95 21.41 27.53
N SER B 203 15.51 20.42 26.82
CA SER B 203 16.15 20.68 25.52
C SER B 203 15.15 20.97 24.39
N GLU B 204 15.67 21.56 23.31
CA GLU B 204 14.93 21.74 22.05
C GLU B 204 14.54 20.38 21.47
N ILE B 205 15.53 19.47 21.41
CA ILE B 205 15.34 18.10 20.91
C ILE B 205 14.16 17.39 21.56
N PHE B 206 13.98 17.56 22.88
CA PHE B 206 12.87 16.91 23.58
C PHE B 206 11.51 17.49 23.19
N ARG B 207 11.38 18.81 23.26
CA ARG B 207 10.12 19.48 22.87
C ARG B 207 9.71 19.15 21.43
N GLN B 208 10.72 19.02 20.57
CA GLN B 208 10.54 18.55 19.20
C GLN B 208 9.98 17.11 19.19
N PHE B 209 10.65 16.21 19.90
CA PHE B 209 10.21 14.80 20.04
C PHE B 209 8.73 14.64 20.42
N LEU B 210 8.21 15.57 21.24
CA LEU B 210 6.78 15.58 21.54
C LEU B 210 5.93 15.95 20.32
N LYS B 211 6.43 16.89 19.50
CA LYS B 211 5.79 17.22 18.22
C LYS B 211 5.84 16.05 17.23
N ILE B 212 6.90 15.26 17.25
CA ILE B 212 6.97 14.04 16.40
C ILE B 212 5.85 13.08 16.78
N ILE B 213 5.68 12.83 18.08
CA ILE B 213 4.62 11.92 18.55
C ILE B 213 3.28 12.39 18.00
N GLU B 214 3.03 13.70 18.13
CA GLU B 214 1.84 14.35 17.58
C GLU B 214 1.65 14.07 16.09
N HIS B 215 2.74 14.19 15.32
CA HIS B 215 2.74 13.89 13.88
C HIS B 215 2.38 12.43 13.62
N LEU B 216 3.04 11.51 14.32
CA LEU B 216 2.83 10.06 14.14
C LEU B 216 1.37 9.64 14.32
N HIS B 217 0.68 10.26 15.29
CA HIS B 217 -0.75 10.03 15.49
C HIS B 217 -1.55 10.41 14.25
N GLU B 218 -1.35 11.64 13.76
CA GLU B 218 -2.06 12.10 12.56
C GLU B 218 -1.72 11.30 11.30
N GLN B 219 -0.52 10.73 11.24
CA GLN B 219 -0.10 9.87 10.11
C GLN B 219 -0.93 8.59 9.91
N ILE B 220 -1.53 8.08 10.98
CA ILE B 220 -2.34 6.83 10.93
C ILE B 220 -3.37 6.80 9.79
N ASN B 221 -4.10 7.90 9.61
CA ASN B 221 -5.11 8.02 8.54
C ASN B 221 -4.56 8.70 7.26
N ILE B 222 -3.24 8.67 7.06
CA ILE B 222 -2.60 9.31 5.90
C ILE B 222 -1.69 8.35 5.15
N ILE B 223 -0.85 7.61 5.88
CA ILE B 223 0.11 6.68 5.27
C ILE B 223 -0.56 5.50 4.57
N ASN B 224 0.22 4.83 3.72
CA ASN B 224 -0.22 3.62 3.05
C ASN B 224 -0.62 2.57 4.07
N SER B 225 -1.80 1.96 3.89
CA SER B 225 -2.32 0.91 4.80
C SER B 225 -1.29 -0.17 5.05
N ASN B 226 -0.57 -0.54 3.98
CA ASN B 226 0.47 -1.56 4.04
C ASN B 226 1.65 -1.23 4.96
N ASP B 227 1.96 0.06 5.12
CA ASP B 227 3.03 0.52 6.03
C ASP B 227 2.61 0.62 7.50
N LEU B 228 1.32 0.51 7.81
CA LEU B 228 0.81 0.70 9.19
C LEU B 228 1.59 -0.06 10.29
N PHE B 229 2.03 -1.27 9.98
CA PHE B 229 2.79 -2.09 10.94
C PHE B 229 4.11 -1.46 11.40
N VAL B 230 4.76 -0.71 10.51
CA VAL B 230 6.00 0.00 10.85
C VAL B 230 5.69 1.20 11.75
N LEU B 231 4.64 1.95 11.42
CA LEU B 231 4.17 3.08 12.26
C LEU B 231 3.81 2.65 13.68
N ARG B 232 3.05 1.56 13.78
CA ARG B 232 2.72 0.94 15.07
C ARG B 232 3.96 0.77 15.93
N ASP B 233 4.95 0.06 15.38
CA ASP B 233 6.19 -0.27 16.10
C ASP B 233 7.04 0.97 16.41
N THR B 234 6.97 1.99 15.56
CA THR B 234 7.62 3.28 15.82
C THR B 234 6.96 3.99 17.01
N LEU B 235 5.63 3.97 17.08
CA LEU B 235 4.91 4.52 18.24
C LEU B 235 5.26 3.78 19.54
N LEU B 236 5.42 2.46 19.46
CA LEU B 236 5.84 1.68 20.63
C LEU B 236 7.27 2.01 21.08
N SER B 237 8.15 2.31 20.13
CA SER B 237 9.50 2.78 20.44
C SER B 237 9.52 4.08 21.26
N CYS B 238 8.51 4.92 21.06
CA CYS B 238 8.37 6.16 21.86
C CYS B 238 8.08 5.91 23.36
N VAL B 239 7.44 4.79 23.68
CA VAL B 239 7.08 4.48 25.08
C VAL B 239 8.33 4.34 25.96
N ASN B 240 9.29 3.55 25.49
CA ASN B 240 10.59 3.43 26.16
C ASN B 240 11.28 4.78 26.36
N ILE B 241 11.25 5.62 25.32
CA ILE B 241 11.92 6.93 25.36
C ILE B 241 11.25 7.86 26.36
N LEU B 242 9.92 7.93 26.30
CA LEU B 242 9.15 8.67 27.30
C LEU B 242 9.43 8.15 28.72
N GLY B 243 9.56 6.84 28.86
CA GLY B 243 9.97 6.21 30.11
C GLY B 243 11.33 6.66 30.61
N SER B 244 12.30 6.79 29.71
CA SER B 244 13.67 7.22 30.07
C SER B 244 13.73 8.66 30.60
N LYS B 245 12.74 9.48 30.24
CA LYS B 245 12.63 10.87 30.74
C LYS B 245 11.57 11.05 31.84
N LYS B 246 10.96 9.95 32.26
CA LYS B 246 9.87 9.97 33.23
C LYS B 246 8.74 10.93 32.84
N TYR B 247 8.50 11.07 31.54
CA TYR B 247 7.46 11.91 31.00
C TYR B 247 6.36 10.98 30.51
N TYR B 248 5.59 10.47 31.47
CA TYR B 248 4.62 9.39 31.21
C TYR B 248 3.29 9.88 30.59
N GLU B 249 3.06 11.20 30.60
CA GLU B 249 1.77 11.78 30.19
C GLU B 249 1.21 11.27 28.84
N PRO B 250 2.00 11.34 27.75
CA PRO B 250 1.46 10.95 26.43
C PRO B 250 1.45 9.44 26.12
N ILE B 251 1.81 8.59 27.09
CA ILE B 251 1.83 7.13 26.88
C ILE B 251 0.44 6.52 26.62
N PRO B 252 -0.59 6.86 27.44
CA PRO B 252 -1.93 6.34 27.17
C PRO B 252 -2.46 6.58 25.75
N LYS B 253 -2.24 7.78 25.22
CA LYS B 253 -2.68 8.09 23.85
C LYS B 253 -1.95 7.23 22.81
N ILE B 254 -0.69 6.93 23.06
CA ILE B 254 0.05 5.94 22.25
C ILE B 254 -0.65 4.59 22.26
N PHE B 255 -1.05 4.12 23.45
CA PHE B 255 -1.78 2.85 23.55
C PHE B 255 -3.07 2.89 22.76
N ASP B 256 -3.83 3.98 22.86
CA ASP B 256 -5.09 4.13 22.10
C ASP B 256 -4.82 3.92 20.62
N SER B 257 -3.85 4.67 20.09
CA SER B 257 -3.49 4.58 18.68
C SER B 257 -2.98 3.21 18.25
N VAL B 258 -2.13 2.60 19.07
CA VAL B 258 -1.61 1.24 18.79
C VAL B 258 -2.75 0.21 18.75
N ASP B 259 -3.73 0.33 19.64
CA ASP B 259 -4.91 -0.55 19.62
C ASP B 259 -5.79 -0.34 18.40
N LYS B 260 -5.97 0.92 18.01
CA LYS B 260 -6.76 1.29 16.82
C LYS B 260 -6.10 0.86 15.53
N ILE B 261 -4.76 0.84 15.48
CA ILE B 261 -4.02 0.27 14.35
C ILE B 261 -4.22 -1.25 14.32
N ILE B 262 -4.03 -1.91 15.47
CA ILE B 262 -4.26 -3.37 15.61
C ILE B 262 -5.66 -3.78 15.13
N GLN B 263 -6.65 -2.92 15.32
CA GLN B 263 -8.03 -3.19 14.87
C GLN B 263 -8.18 -3.15 13.35
N SER B 264 -7.60 -2.13 12.70
CA SER B 264 -7.68 -1.98 11.23
C SER B 264 -6.90 -3.08 10.51
N THR B 265 -5.65 -3.27 10.94
CA THR B 265 -4.78 -4.29 10.37
C THR B 265 -5.24 -5.71 10.68
N GLN B 266 -5.91 -5.90 11.82
CA GLN B 266 -6.30 -7.22 12.30
C GLN B 266 -5.06 -8.12 12.52
N ASP B 267 -3.97 -7.49 12.98
CA ASP B 267 -2.64 -8.12 13.05
C ASP B 267 -2.50 -8.90 14.35
N PHE B 268 -2.85 -8.28 15.47
CA PHE B 268 -2.89 -8.92 16.78
C PHE B 268 -1.65 -9.68 17.32
N GLN B 269 -0.55 -9.70 16.58
CA GLN B 269 0.70 -10.33 17.07
C GLN B 269 1.31 -9.55 18.23
N LYS B 270 1.04 -8.24 18.26
CA LYS B 270 1.51 -7.35 19.32
C LYS B 270 0.55 -7.19 20.51
N LYS B 271 -0.61 -7.86 20.49
CA LYS B 271 -1.54 -7.90 21.63
C LYS B 271 -0.86 -8.19 22.98
N PRO B 272 0.00 -9.23 23.06
CA PRO B 272 0.71 -9.50 24.32
C PRO B 272 1.72 -8.40 24.71
N ILE B 273 2.56 -7.97 23.77
CA ILE B 273 3.50 -6.87 23.99
C ILE B 273 2.79 -5.64 24.55
N VAL B 274 1.68 -5.25 23.93
CA VAL B 274 0.90 -4.08 24.35
C VAL B 274 0.31 -4.29 25.75
N SER B 275 -0.31 -5.44 25.98
CA SER B 275 -0.87 -5.75 27.29
C SER B 275 0.17 -5.73 28.42
N VAL B 276 1.40 -6.16 28.15
CA VAL B 276 2.48 -6.07 29.14
C VAL B 276 2.81 -4.60 29.42
N LEU B 277 3.07 -3.84 28.35
CA LEU B 277 3.35 -2.40 28.45
C LEU B 277 2.23 -1.65 29.18
N LYS B 278 0.98 -2.05 28.94
CA LYS B 278 -0.17 -1.51 29.66
C LYS B 278 -0.13 -1.79 31.16
N TRP B 279 0.22 -3.02 31.53
CA TRP B 279 0.30 -3.39 32.95
C TRP B 279 1.42 -2.63 33.65
N LYS B 280 2.54 -2.42 32.95
CA LYS B 280 3.70 -1.76 33.54
C LYS B 280 3.40 -0.28 33.85
N TYR B 281 2.67 0.38 32.96
CA TYR B 281 2.20 1.74 33.21
C TYR B 281 1.34 1.77 34.46
N ALA B 282 0.32 0.93 34.52
CA ALA B 282 -0.58 0.85 35.68
C ALA B 282 0.16 0.52 36.98
N LEU B 283 1.14 -0.40 36.89
CA LEU B 283 1.90 -0.86 38.05
C LEU B 283 2.95 0.14 38.54
N PHE B 284 3.73 0.72 37.63
CA PHE B 284 4.86 1.58 37.99
C PHE B 284 4.56 3.09 37.96
N VAL B 285 3.64 3.53 37.09
CA VAL B 285 3.25 4.94 36.99
C VAL B 285 2.07 5.25 37.90
N ASP B 286 0.95 4.55 37.69
CA ASP B 286 -0.26 4.73 38.50
C ASP B 286 -0.22 4.01 39.86
N LYS B 287 0.73 3.07 40.04
CA LYS B 287 0.89 2.32 41.29
C LYS B 287 -0.44 1.66 41.72
N ASP B 288 -1.09 1.03 40.75
CA ASP B 288 -2.45 0.50 40.87
C ASP B 288 -2.44 -0.93 40.32
N ARG B 289 -2.05 -1.89 41.14
CA ARG B 289 -1.87 -3.28 40.68
C ARG B 289 -3.16 -4.12 40.64
N ASP B 290 -4.31 -3.53 40.95
CA ASP B 290 -5.61 -4.13 40.63
C ASP B 290 -5.90 -3.96 39.13
N GLU B 291 -5.61 -2.75 38.61
CA GLU B 291 -5.74 -2.46 37.18
C GLU B 291 -4.65 -3.14 36.34
N ALA B 292 -3.47 -3.35 36.95
CA ALA B 292 -2.34 -3.99 36.27
C ALA B 292 -2.57 -5.48 36.08
N GLU B 293 -2.99 -6.15 37.16
CA GLU B 293 -3.28 -7.59 37.13
C GLU B 293 -4.26 -7.97 36.00
N LYS B 294 -5.21 -7.09 35.70
CA LYS B 294 -6.16 -7.31 34.60
C LYS B 294 -5.45 -7.54 33.26
N HIS B 295 -4.56 -6.62 32.91
CA HIS B 295 -3.79 -6.73 31.66
C HIS B 295 -2.87 -7.95 31.68
N TYR B 296 -2.29 -8.26 32.84
CA TYR B 296 -1.52 -9.50 33.03
C TYR B 296 -2.32 -10.75 32.64
N LEU B 297 -3.58 -10.79 33.05
CA LEU B 297 -4.46 -11.91 32.74
C LEU B 297 -4.85 -11.99 31.26
N ASP B 298 -5.04 -10.84 30.62
CA ASP B 298 -5.28 -10.78 29.16
C ASP B 298 -4.13 -11.43 28.39
N ALA B 299 -2.91 -11.01 28.70
CA ALA B 299 -1.69 -11.53 28.07
C ALA B 299 -1.53 -13.05 28.24
N VAL B 300 -1.89 -13.57 29.42
CA VAL B 300 -1.85 -15.00 29.68
C VAL B 300 -2.91 -15.73 28.85
N LEU B 301 -4.16 -15.25 28.95
CA LEU B 301 -5.27 -15.80 28.14
C LEU B 301 -4.89 -15.89 26.67
N PHE B 302 -4.32 -14.81 26.13
CA PHE B 302 -3.84 -14.77 24.76
C PHE B 302 -2.84 -15.89 24.48
N ALA B 303 -1.78 -15.96 25.30
CA ALA B 303 -0.73 -16.98 25.14
C ALA B 303 -1.25 -18.41 25.28
N LYS B 304 -2.32 -18.59 26.06
CA LYS B 304 -3.03 -19.87 26.15
C LYS B 304 -3.76 -20.20 24.84
N LEU B 305 -4.51 -19.23 24.30
CA LEU B 305 -5.32 -19.45 23.09
C LEU B 305 -4.49 -19.80 21.85
N ILE B 306 -3.40 -19.07 21.63
CA ILE B 306 -2.46 -19.40 20.54
C ILE B 306 -1.53 -20.59 20.84
N GLU B 307 -1.59 -21.12 22.06
CA GLU B 307 -0.84 -22.31 22.49
C GLU B 307 0.67 -22.08 22.34
N ASN B 308 1.14 -20.95 22.89
CA ASN B 308 2.55 -20.60 22.92
C ASN B 308 3.04 -20.66 24.37
N ARG B 309 3.58 -21.83 24.73
CA ARG B 309 4.09 -22.09 26.08
C ARG B 309 5.20 -21.11 26.46
N GLU B 310 6.18 -20.94 25.57
CA GLU B 310 7.32 -20.05 25.80
C GLU B 310 6.86 -18.64 26.17
N LEU B 311 5.94 -18.10 25.38
CA LEU B 311 5.33 -16.78 25.62
C LEU B 311 4.59 -16.74 26.95
N GLU B 312 3.81 -17.77 27.23
CA GLU B 312 3.08 -17.88 28.49
C GLU B 312 4.03 -17.84 29.68
N GLN B 313 5.08 -18.67 29.63
CA GLN B 313 6.11 -18.72 30.70
C GLN B 313 6.85 -17.39 30.88
N LYS B 314 7.16 -16.72 29.77
CA LYS B 314 7.77 -15.38 29.78
C LYS B 314 6.87 -14.37 30.49
N ILE B 315 5.58 -14.37 30.15
CA ILE B 315 4.60 -13.46 30.75
C ILE B 315 4.44 -13.76 32.25
N GLU B 316 4.38 -15.05 32.60
CA GLU B 316 4.29 -15.47 34.00
C GLU B 316 5.51 -15.02 34.77
N GLU B 317 6.70 -15.17 34.17
CA GLU B 317 7.95 -14.79 34.80
C GLU B 317 8.06 -13.28 35.02
N ASP B 318 7.80 -12.48 34.00
CA ASP B 318 7.84 -11.01 34.11
C ASP B 318 6.91 -10.48 35.20
N TRP B 319 5.71 -11.04 35.30
CA TRP B 319 4.75 -10.66 36.34
C TRP B 319 5.29 -10.94 37.74
N ARG B 320 5.95 -12.09 37.91
CA ARG B 320 6.64 -12.45 39.17
C ARG B 320 7.75 -11.46 39.51
N VAL B 321 8.62 -11.19 38.54
CA VAL B 321 9.72 -10.22 38.66
C VAL B 321 9.21 -8.84 39.09
N ASP B 322 8.09 -8.41 38.52
CA ASP B 322 7.51 -7.09 38.81
C ASP B 322 6.74 -6.98 40.14
N ASN B 323 6.75 -8.02 40.98
CA ASN B 323 6.17 -7.95 42.32
C ASN B 323 7.21 -8.25 43.44
N GLN B 324 8.43 -7.73 43.24
CA GLN B 324 9.49 -7.77 44.25
C GLN B 324 9.65 -6.39 44.89
#